data_6SJV
#
_entry.id   6SJV
#
_cell.length_a   106.825
_cell.length_b   106.825
_cell.length_c   100.377
_cell.angle_alpha   90.000
_cell.angle_beta   90.000
_cell.angle_gamma   120.000
#
_symmetry.space_group_name_H-M   'P 31 2 1'
#
loop_
_entity.id
_entity.type
_entity.pdbx_description
1 polymer 'Maltodextrin-binding protein,Protein E6,Ubiquitin-protein ligase E3A'
2 branched alpha-D-glucopyranose-(1-4)-alpha-D-glucopyranose
3 non-polymer 'ZINC ION'
4 water water
#
_entity_poly.entity_id   1
_entity_poly.type   'polypeptide(L)'
_entity_poly.pdbx_seq_one_letter_code
;MKIEEGKLVIWINGDKGYNGLAEVGKKFEKDTGIKVTVEHPDKLEEKFPQVAATGDGPDIIFWAHDRFGGYAQSGLLAEI
TPAAAFQDKLYPFTWDAVRYNGKLIAYPIAVEALSLIYNKDLLPNPPKTWEEIPALDKELKAKGKSALMFNLQEPYFTWP
LIAADGGYAFKYENGKYDIKDVGVDNAGAKAGLTFLVDLIKNKHMNADTDYSIAEAAFNKGETAMTINGPWAWSNIDTSA
VNYGVTVLPTFKGQPSKPFVGVLSAGINAASPNKELAKEFLENYLLTDEGLEAVNKDKPLGAVALKSYEEELAKDPRIAA
TMENAQKGEIMPNIPQMSAFWYAVRTAVINAASGRQTVDAALAAAQTNAAAMARFEDPTRRPYKLPDLCTELNTSLQDIE
ITCVYCKTVLELTEVFEFARKDLFVVYRDSIPHAACHKCIDFYSRIRELRHYSDSVYGDTLEKLTNTGLYNLLIRCLRCQ
KPLNPAEKLRHLNEKRRFHNIAGHYRGQCHSCCNRARQERLQRGSAAAESSELTFQELLGERR
;
_entity_poly.pdbx_strand_id   A
#
# COMPACT_ATOMS: atom_id res chain seq x y z
N LYS A 2 -1.51 4.59 23.60
CA LYS A 2 -2.49 3.56 23.25
C LYS A 2 -3.84 4.19 22.87
N ILE A 3 -4.90 3.35 22.87
CA ILE A 3 -6.23 3.71 22.38
C ILE A 3 -7.09 4.12 23.55
N GLU A 4 -8.06 5.01 23.30
CA GLU A 4 -8.89 5.59 24.35
C GLU A 4 -10.06 4.66 24.70
N GLU A 5 -10.11 4.22 25.95
CA GLU A 5 -11.20 3.37 26.41
C GLU A 5 -12.52 4.14 26.46
N GLY A 6 -13.61 3.47 26.07
CA GLY A 6 -14.94 4.09 26.06
C GLY A 6 -15.27 4.92 24.84
N LYS A 7 -14.46 4.83 23.80
CA LYS A 7 -14.61 5.58 22.56
C LYS A 7 -14.31 4.61 21.41
N LEU A 8 -14.94 4.80 20.26
CA LEU A 8 -14.57 4.04 19.07
C LEU A 8 -13.93 4.98 18.05
N VAL A 9 -12.76 4.58 17.55
CA VAL A 9 -12.13 5.23 16.41
C VAL A 9 -12.14 4.26 15.25
N ILE A 10 -12.56 4.73 14.09
CA ILE A 10 -12.77 3.89 12.91
C ILE A 10 -11.97 4.48 11.75
N TRP A 11 -11.21 3.63 11.06
CA TRP A 11 -10.57 4.02 9.80
C TRP A 11 -11.24 3.32 8.64
N ILE A 12 -11.46 4.07 7.55
CA ILE A 12 -12.03 3.53 6.32
C ILE A 12 -11.48 4.34 5.17
N ASN A 13 -11.37 3.72 3.99
CA ASN A 13 -10.67 4.41 2.90
C ASN A 13 -11.46 5.65 2.43
N GLY A 14 -10.72 6.60 1.86
CA GLY A 14 -11.31 7.87 1.50
C GLY A 14 -12.24 7.82 0.32
N ASP A 15 -12.33 6.71 -0.40
CA ASP A 15 -13.29 6.63 -1.49
C ASP A 15 -14.61 6.01 -1.07
N LYS A 16 -14.75 5.61 0.21
CA LYS A 16 -15.94 4.94 0.69
C LYS A 16 -16.91 5.94 1.35
N GLY A 17 -18.05 5.44 1.80
CA GLY A 17 -19.10 6.27 2.35
C GLY A 17 -18.87 6.61 3.82
N TYR A 18 -17.75 7.30 4.09
CA TYR A 18 -17.39 7.59 5.46
C TYR A 18 -18.35 8.58 6.10
N ASN A 19 -18.94 9.48 5.30
CA ASN A 19 -19.96 10.38 5.85
C ASN A 19 -21.18 9.60 6.31
N GLY A 20 -21.63 8.63 5.52
CA GLY A 20 -22.73 7.79 5.98
C GLY A 20 -22.32 6.94 7.18
N LEU A 21 -21.07 6.46 7.18
CA LEU A 21 -20.60 5.70 8.32
C LEU A 21 -20.60 6.55 9.57
N ALA A 22 -20.27 7.84 9.46
CA ALA A 22 -20.32 8.71 10.62
C ALA A 22 -21.77 8.89 11.11
N GLU A 23 -22.76 8.84 10.21
CA GLU A 23 -24.15 8.88 10.67
C GLU A 23 -24.50 7.63 11.45
N VAL A 24 -23.98 6.46 11.05
CA VAL A 24 -24.18 5.28 11.88
C VAL A 24 -23.54 5.48 13.25
N GLY A 25 -22.33 6.04 13.26
CA GLY A 25 -21.68 6.36 14.53
C GLY A 25 -22.46 7.33 15.40
N LYS A 26 -23.10 8.33 14.77
CA LYS A 26 -23.96 9.26 15.50
C LYS A 26 -25.14 8.53 16.15
N LYS A 27 -25.81 7.67 15.38
CA LYS A 27 -26.89 6.87 15.94
C LYS A 27 -26.39 5.99 17.08
N PHE A 28 -25.17 5.46 16.96
CA PHE A 28 -24.61 4.64 18.02
C PHE A 28 -24.41 5.47 19.28
N GLU A 29 -23.97 6.71 19.15
CA GLU A 29 -23.77 7.56 20.32
C GLU A 29 -25.10 7.92 20.98
N LYS A 30 -26.13 8.19 20.18
CA LYS A 30 -27.44 8.50 20.76
C LYS A 30 -27.98 7.34 21.56
N ASP A 31 -27.83 6.12 21.06
CA ASP A 31 -28.40 4.96 21.72
C ASP A 31 -27.55 4.47 22.88
N THR A 32 -26.23 4.68 22.84
CA THR A 32 -25.37 4.06 23.84
C THR A 32 -24.56 5.03 24.66
N GLY A 33 -24.44 6.30 24.24
CA GLY A 33 -23.52 7.21 24.85
C GLY A 33 -22.09 7.13 24.35
N ILE A 34 -21.76 6.13 23.53
CA ILE A 34 -20.38 5.94 23.07
C ILE A 34 -20.11 6.83 21.86
N LYS A 35 -19.07 7.65 21.96
CA LYS A 35 -18.66 8.52 20.87
C LYS A 35 -17.92 7.73 19.81
N VAL A 36 -18.25 8.00 18.54
CA VAL A 36 -17.62 7.35 17.41
C VAL A 36 -16.95 8.43 16.57
N THR A 37 -15.69 8.20 16.19
CA THR A 37 -14.99 9.12 15.30
C THR A 37 -14.52 8.34 14.09
N VAL A 38 -14.98 8.75 12.90
CA VAL A 38 -14.62 8.11 11.65
C VAL A 38 -13.57 8.97 10.96
N GLU A 39 -12.50 8.32 10.50
CA GLU A 39 -11.42 8.98 9.81
C GLU A 39 -11.01 8.17 8.60
N HIS A 40 -10.40 8.83 7.62
CA HIS A 40 -9.91 8.17 6.41
C HIS A 40 -8.48 8.62 6.11
N PRO A 41 -7.51 8.19 6.93
CA PRO A 41 -6.11 8.55 6.68
C PRO A 41 -5.66 8.12 5.30
N ASP A 42 -4.83 8.94 4.69
CA ASP A 42 -4.16 8.57 3.47
C ASP A 42 -3.29 7.35 3.70
N LYS A 43 -3.30 6.43 2.73
CA LYS A 43 -2.53 5.17 2.80
C LYS A 43 -2.82 4.38 4.08
N LEU A 44 -4.08 4.36 4.52
CA LEU A 44 -4.34 3.74 5.82
C LEU A 44 -4.04 2.25 5.83
N GLU A 45 -4.05 1.59 4.67
CA GLU A 45 -3.77 0.16 4.66
C GLU A 45 -2.30 -0.13 4.97
N GLU A 46 -1.43 0.87 4.83
CA GLU A 46 -0.05 0.75 5.29
C GLU A 46 0.16 1.35 6.66
N LYS A 47 -0.57 2.42 6.98
CA LYS A 47 -0.40 3.03 8.30
C LYS A 47 -0.93 2.12 9.41
N PHE A 48 -1.98 1.33 9.14
CA PHE A 48 -2.57 0.52 10.22
C PHE A 48 -1.58 -0.44 10.84
N PRO A 49 -0.87 -1.31 10.10
CA PRO A 49 0.06 -2.23 10.77
C PRO A 49 1.22 -1.53 11.49
N GLN A 50 1.61 -0.33 11.05
CA GLN A 50 2.67 0.41 11.73
C GLN A 50 2.20 0.94 13.09
N VAL A 51 1.02 1.54 13.13
CA VAL A 51 0.57 2.08 14.41
C VAL A 51 -0.03 0.98 15.28
N ALA A 52 -0.67 -0.02 14.68
CA ALA A 52 -1.22 -1.09 15.51
C ALA A 52 -0.11 -1.94 16.12
N ALA A 53 1.04 -2.03 15.46
CA ALA A 53 2.17 -2.72 16.07
C ALA A 53 2.57 -2.10 17.40
N THR A 54 2.32 -0.80 17.59
CA THR A 54 2.68 -0.09 18.81
C THR A 54 1.48 0.09 19.74
N GLY A 55 0.50 -0.81 19.67
CA GLY A 55 -0.65 -0.73 20.56
C GLY A 55 -1.54 0.47 20.36
N ASP A 56 -1.38 1.18 19.24
CA ASP A 56 -2.12 2.38 18.90
C ASP A 56 -2.99 2.10 17.65
N GLY A 57 -3.61 3.16 17.12
CA GLY A 57 -4.39 3.06 15.90
C GLY A 57 -5.88 3.09 16.14
N PRO A 58 -6.68 2.76 15.13
CA PRO A 58 -8.15 2.76 15.31
C PRO A 58 -8.62 1.54 16.10
N ASP A 59 -9.84 1.65 16.63
CA ASP A 59 -10.49 0.46 17.13
C ASP A 59 -10.90 -0.46 16.00
N ILE A 60 -11.39 0.10 14.89
CA ILE A 60 -11.92 -0.68 13.77
C ILE A 60 -11.25 -0.18 12.50
N ILE A 61 -10.83 -1.11 11.65
CA ILE A 61 -10.27 -0.76 10.36
C ILE A 61 -11.09 -1.44 9.28
N PHE A 62 -11.48 -0.66 8.27
CA PHE A 62 -12.20 -1.15 7.11
C PHE A 62 -11.23 -1.24 5.94
N TRP A 63 -11.24 -2.37 5.24
CA TRP A 63 -10.50 -2.48 3.98
C TRP A 63 -11.02 -3.71 3.26
N ALA A 64 -10.72 -3.80 1.97
CA ALA A 64 -10.92 -5.05 1.26
C ALA A 64 -10.18 -6.17 2.00
N HIS A 65 -10.75 -7.38 1.92
CA HIS A 65 -10.28 -8.51 2.73
C HIS A 65 -8.84 -8.92 2.43
N ASP A 66 -8.28 -8.50 1.29
CA ASP A 66 -6.97 -9.04 0.90
C ASP A 66 -5.87 -8.60 1.87
N ARG A 67 -6.00 -7.44 2.49
CA ARG A 67 -4.96 -7.00 3.42
C ARG A 67 -5.03 -7.69 4.79
N PHE A 68 -6.15 -8.32 5.12
CA PHE A 68 -6.35 -8.74 6.51
C PHE A 68 -5.57 -9.99 6.88
N GLY A 69 -5.22 -10.85 5.92
CA GLY A 69 -4.35 -11.97 6.25
C GLY A 69 -3.04 -11.51 6.87
N GLY A 70 -2.38 -10.54 6.23
CA GLY A 70 -1.13 -10.02 6.77
C GLY A 70 -1.30 -9.38 8.13
N TYR A 71 -2.40 -8.64 8.33
CA TYR A 71 -2.64 -8.07 9.66
C TYR A 71 -2.81 -9.19 10.68
N ALA A 72 -3.58 -10.23 10.33
CA ALA A 72 -3.83 -11.31 11.28
C ALA A 72 -2.54 -12.06 11.60
N GLN A 73 -1.70 -12.32 10.59
CA GLN A 73 -0.46 -13.04 10.85
C GLN A 73 0.41 -12.27 11.83
N SER A 74 0.39 -10.94 11.76
CA SER A 74 1.20 -10.13 12.65
C SER A 74 0.56 -9.91 14.02
N GLY A 75 -0.52 -10.63 14.35
CA GLY A 75 -1.20 -10.41 15.62
C GLY A 75 -1.93 -9.10 15.77
N LEU A 76 -2.31 -8.44 14.68
CA LEU A 76 -2.88 -7.11 14.80
C LEU A 76 -4.40 -7.10 14.95
N LEU A 77 -5.05 -8.24 14.79
CA LEU A 77 -6.51 -8.30 14.78
C LEU A 77 -7.04 -9.22 15.89
N ALA A 78 -8.14 -8.81 16.49
CA ALA A 78 -8.87 -9.68 17.41
C ALA A 78 -9.64 -10.73 16.62
N GLU A 79 -9.73 -11.93 17.17
CA GLU A 79 -10.62 -12.94 16.60
C GLU A 79 -12.07 -12.50 16.76
N ILE A 80 -12.84 -12.64 15.70
CA ILE A 80 -14.25 -12.25 15.69
C ILE A 80 -15.11 -13.43 16.14
N THR A 81 -16.13 -13.17 16.99
CA THR A 81 -16.88 -14.25 17.65
C THR A 81 -18.40 -14.18 17.42
N PRO A 82 -18.86 -14.07 16.17
CA PRO A 82 -20.31 -13.89 15.97
C PRO A 82 -21.08 -15.16 16.29
N ALA A 83 -22.29 -14.99 16.81
CA ALA A 83 -23.13 -16.16 17.07
C ALA A 83 -23.56 -16.81 15.76
N ALA A 84 -23.89 -18.10 15.87
CA ALA A 84 -24.27 -18.88 14.69
C ALA A 84 -25.39 -18.19 13.92
N ALA A 85 -26.38 -17.67 14.64
CA ALA A 85 -27.50 -17.02 14.00
C ALA A 85 -27.07 -15.75 13.28
N PHE A 86 -26.11 -15.01 13.86
CA PHE A 86 -25.61 -13.83 13.15
C PHE A 86 -24.82 -14.24 11.91
N GLN A 87 -24.01 -15.29 11.99
CA GLN A 87 -23.25 -15.72 10.82
C GLN A 87 -24.18 -16.10 9.66
N ASP A 88 -25.29 -16.77 9.97
CA ASP A 88 -26.23 -17.18 8.93
C ASP A 88 -26.88 -16.00 8.22
N LYS A 89 -26.72 -14.77 8.74
CA LYS A 89 -27.26 -13.59 8.06
C LYS A 89 -26.49 -13.21 6.80
N LEU A 90 -25.24 -13.63 6.66
CA LEU A 90 -24.38 -13.21 5.56
C LEU A 90 -24.03 -14.39 4.67
N TYR A 91 -23.74 -14.10 3.41
CA TYR A 91 -23.37 -15.15 2.47
C TYR A 91 -22.16 -15.92 3.00
N PRO A 92 -22.19 -17.26 2.99
CA PRO A 92 -21.02 -18.04 3.46
C PRO A 92 -19.71 -17.63 2.81
N PHE A 93 -19.70 -17.36 1.51
CA PHE A 93 -18.41 -17.00 0.90
C PHE A 93 -17.86 -15.67 1.42
N THR A 94 -18.70 -14.79 1.96
CA THR A 94 -18.11 -13.54 2.46
C THR A 94 -17.36 -13.78 3.76
N TRP A 95 -17.93 -14.62 4.65
CA TRP A 95 -17.16 -15.06 5.83
C TRP A 95 -15.86 -15.74 5.42
N ASP A 96 -15.90 -16.56 4.36
CA ASP A 96 -14.70 -17.27 3.94
C ASP A 96 -13.57 -16.31 3.59
N ALA A 97 -13.92 -15.14 3.03
CA ALA A 97 -12.89 -14.16 2.65
C ALA A 97 -12.13 -13.62 3.83
N VAL A 98 -12.73 -13.65 5.02
CA VAL A 98 -12.13 -13.04 6.21
C VAL A 98 -11.79 -14.14 7.21
N ARG A 99 -11.57 -15.34 6.70
CA ARG A 99 -11.08 -16.43 7.54
C ARG A 99 -9.56 -16.52 7.39
N TYR A 100 -8.88 -16.68 8.51
CA TYR A 100 -7.43 -16.79 8.52
C TYR A 100 -7.06 -18.00 9.35
N ASN A 101 -6.47 -19.00 8.71
CA ASN A 101 -6.15 -20.27 9.34
C ASN A 101 -7.28 -20.69 10.27
N GLY A 102 -8.47 -20.79 9.68
CA GLY A 102 -9.63 -21.29 10.36
C GLY A 102 -10.42 -20.27 11.17
N LYS A 103 -9.80 -19.15 11.56
CA LYS A 103 -10.44 -18.19 12.46
C LYS A 103 -10.96 -16.97 11.72
N LEU A 104 -12.11 -16.46 12.17
CA LEU A 104 -12.67 -15.24 11.60
C LEU A 104 -11.95 -14.03 12.19
N ILE A 105 -11.47 -13.15 11.33
CA ILE A 105 -10.70 -11.98 11.76
C ILE A 105 -11.32 -10.67 11.30
N ALA A 106 -12.51 -10.70 10.70
CA ALA A 106 -13.16 -9.45 10.36
C ALA A 106 -14.61 -9.74 10.01
N TYR A 107 -15.43 -8.70 10.08
CA TYR A 107 -16.81 -8.77 9.63
C TYR A 107 -16.90 -8.38 8.17
N PRO A 108 -17.45 -9.22 7.29
CA PRO A 108 -17.68 -8.78 5.92
C PRO A 108 -18.83 -7.79 5.83
N ILE A 109 -18.69 -6.85 4.90
CA ILE A 109 -19.66 -5.79 4.69
C ILE A 109 -20.33 -5.89 3.31
N ALA A 110 -19.52 -5.95 2.25
CA ALA A 110 -20.06 -5.83 0.90
C ALA A 110 -19.06 -6.37 -0.11
N VAL A 111 -19.58 -6.72 -1.29
CA VAL A 111 -18.79 -7.29 -2.36
C VAL A 111 -18.60 -6.24 -3.46
N GLU A 112 -17.35 -6.01 -3.85
CA GLU A 112 -17.01 -4.98 -4.82
C GLU A 112 -16.27 -5.60 -6.00
N ALA A 113 -16.61 -5.12 -7.19
CA ALA A 113 -15.81 -5.40 -8.37
C ALA A 113 -15.88 -4.18 -9.29
N LEU A 114 -14.84 -3.99 -10.08
CA LEU A 114 -14.83 -2.95 -11.11
C LEU A 114 -15.82 -3.28 -12.23
N SER A 115 -16.39 -2.23 -12.82
CA SER A 115 -17.24 -2.35 -14.01
C SER A 115 -16.83 -1.30 -15.03
N LEU A 116 -17.38 -1.45 -16.23
CA LEU A 116 -17.26 -0.44 -17.28
C LEU A 116 -18.39 0.57 -17.10
N ILE A 117 -18.04 1.84 -16.91
CA ILE A 117 -19.00 2.93 -16.75
C ILE A 117 -18.91 3.76 -18.02
N TYR A 118 -20.06 4.09 -18.61
CA TYR A 118 -20.04 4.73 -19.92
C TYR A 118 -21.10 5.81 -19.98
N ASN A 119 -20.77 6.86 -20.72
CA ASN A 119 -21.65 8.01 -20.92
C ASN A 119 -22.63 7.66 -22.05
N LYS A 120 -23.89 7.42 -21.69
CA LYS A 120 -24.87 6.93 -22.68
C LYS A 120 -25.14 7.95 -23.78
N ASP A 121 -25.00 9.25 -23.48
CA ASP A 121 -25.21 10.27 -24.52
C ASP A 121 -24.06 10.28 -25.52
N LEU A 122 -22.84 10.01 -25.08
CA LEU A 122 -21.69 9.95 -25.97
C LEU A 122 -21.50 8.59 -26.61
N LEU A 123 -22.07 7.54 -26.03
CA LEU A 123 -21.74 6.17 -26.42
C LEU A 123 -22.91 5.27 -26.06
N PRO A 124 -23.98 5.32 -26.85
CA PRO A 124 -25.14 4.46 -26.56
C PRO A 124 -24.80 2.98 -26.58
N ASN A 125 -23.83 2.59 -27.39
CA ASN A 125 -23.43 1.19 -27.56
C ASN A 125 -21.96 1.05 -27.20
N PRO A 126 -21.66 0.84 -25.93
CA PRO A 126 -20.27 0.76 -25.52
C PRO A 126 -19.59 -0.45 -26.17
N PRO A 127 -18.30 -0.35 -26.45
CA PRO A 127 -17.59 -1.46 -27.11
C PRO A 127 -17.55 -2.69 -26.23
N LYS A 128 -17.71 -3.86 -26.86
CA LYS A 128 -17.62 -5.14 -26.18
C LYS A 128 -16.20 -5.67 -26.06
N THR A 129 -15.23 -5.07 -26.76
CA THR A 129 -13.85 -5.56 -26.73
C THR A 129 -12.88 -4.42 -26.48
N TRP A 130 -11.74 -4.75 -25.87
CA TRP A 130 -10.67 -3.77 -25.72
C TRP A 130 -10.10 -3.33 -27.06
N GLU A 131 -10.13 -4.21 -28.07
CA GLU A 131 -9.45 -3.90 -29.32
C GLU A 131 -10.18 -2.83 -30.12
N GLU A 132 -11.50 -2.67 -29.93
CA GLU A 132 -12.25 -1.58 -30.56
C GLU A 132 -11.85 -0.21 -30.05
N ILE A 133 -11.24 -0.12 -28.87
CA ILE A 133 -11.15 1.17 -28.18
C ILE A 133 -10.26 2.17 -28.92
N PRO A 134 -9.14 1.77 -29.54
CA PRO A 134 -8.36 2.76 -30.31
C PRO A 134 -9.15 3.46 -31.42
N ALA A 135 -9.86 2.69 -32.26
CA ALA A 135 -10.63 3.32 -33.32
C ALA A 135 -11.68 4.27 -32.75
N LEU A 136 -12.40 3.82 -31.72
CA LEU A 136 -13.38 4.66 -31.07
C LEU A 136 -12.76 5.93 -30.49
N ASP A 137 -11.48 5.86 -30.08
CA ASP A 137 -10.83 7.05 -29.54
C ASP A 137 -10.49 8.06 -30.64
N LYS A 138 -10.06 7.57 -31.81
CA LYS A 138 -9.87 8.47 -32.94
C LYS A 138 -11.16 9.20 -33.29
N GLU A 139 -12.27 8.45 -33.41
CA GLU A 139 -13.54 9.09 -33.74
C GLU A 139 -13.94 10.14 -32.71
N LEU A 140 -13.71 9.86 -31.43
CA LEU A 140 -14.12 10.78 -30.38
C LEU A 140 -13.21 11.97 -30.26
N LYS A 141 -11.91 11.81 -30.55
CA LYS A 141 -11.04 12.97 -30.59
C LYS A 141 -11.53 13.98 -31.62
N ALA A 142 -11.99 13.49 -32.77
CA ALA A 142 -12.50 14.38 -33.81
C ALA A 142 -13.64 15.24 -33.30
N LYS A 143 -14.44 14.71 -32.36
CA LYS A 143 -15.50 15.49 -31.72
C LYS A 143 -15.02 16.18 -30.44
N GLY A 144 -13.72 16.23 -30.19
CA GLY A 144 -13.22 16.82 -28.97
C GLY A 144 -13.53 16.03 -27.71
N LYS A 145 -13.49 14.70 -27.79
CA LYS A 145 -13.68 13.84 -26.64
C LYS A 145 -12.60 12.76 -26.66
N SER A 146 -12.60 11.90 -25.64
CA SER A 146 -11.73 10.74 -25.59
C SER A 146 -12.57 9.51 -25.25
N ALA A 147 -12.04 8.34 -25.57
CA ALA A 147 -12.80 7.11 -25.33
C ALA A 147 -12.77 6.70 -23.86
N LEU A 148 -11.58 6.58 -23.27
CA LEU A 148 -11.46 5.90 -21.99
C LEU A 148 -10.45 6.62 -21.12
N MET A 149 -10.84 6.87 -19.85
CA MET A 149 -9.90 7.34 -18.84
C MET A 149 -10.17 6.63 -17.53
N PHE A 150 -9.12 6.03 -16.96
CA PHE A 150 -9.26 5.38 -15.67
C PHE A 150 -7.91 5.44 -14.94
N ASN A 151 -7.97 5.23 -13.63
CA ASN A 151 -6.80 5.32 -12.76
C ASN A 151 -5.72 4.30 -13.13
N LEU A 152 -4.66 4.76 -13.78
CA LEU A 152 -3.53 3.92 -14.14
C LEU A 152 -2.50 3.78 -13.02
N GLN A 153 -2.69 4.49 -11.91
CA GLN A 153 -1.69 4.50 -10.84
C GLN A 153 -1.81 3.30 -9.91
N GLU A 154 -3.00 2.71 -9.78
CA GLU A 154 -3.19 1.57 -8.88
C GLU A 154 -3.40 0.31 -9.71
N PRO A 155 -2.60 -0.73 -9.53
CA PRO A 155 -2.76 -1.94 -10.37
C PRO A 155 -4.12 -2.63 -10.21
N TYR A 156 -4.90 -2.30 -9.17
CA TYR A 156 -6.28 -2.78 -9.08
C TYR A 156 -7.06 -2.48 -10.36
N PHE A 157 -6.83 -1.31 -10.95
CA PHE A 157 -7.62 -0.88 -12.09
C PHE A 157 -7.11 -1.45 -13.40
N THR A 158 -5.81 -1.76 -13.48
CA THR A 158 -5.25 -2.36 -14.68
C THR A 158 -5.28 -3.88 -14.62
N TRP A 159 -5.38 -4.46 -13.41
CA TRP A 159 -5.48 -5.92 -13.28
C TRP A 159 -6.51 -6.55 -14.22
N PRO A 160 -7.75 -6.07 -14.33
CA PRO A 160 -8.73 -6.80 -15.17
C PRO A 160 -8.23 -7.11 -16.57
N LEU A 161 -7.55 -6.16 -17.20
CA LEU A 161 -7.08 -6.34 -18.56
C LEU A 161 -5.83 -7.20 -18.60
N ILE A 162 -4.89 -6.96 -17.70
CA ILE A 162 -3.70 -7.80 -17.59
C ILE A 162 -4.11 -9.26 -17.33
N ALA A 163 -5.13 -9.49 -16.51
CA ALA A 163 -5.49 -10.85 -16.16
C ALA A 163 -6.35 -11.54 -17.23
N ALA A 164 -6.92 -10.78 -18.16
CA ALA A 164 -7.95 -11.33 -19.06
C ALA A 164 -7.45 -12.58 -19.81
N ASP A 165 -6.27 -12.51 -20.41
CA ASP A 165 -5.75 -13.67 -21.10
C ASP A 165 -4.66 -14.39 -20.30
N GLY A 166 -4.54 -14.08 -19.00
CA GLY A 166 -3.58 -14.78 -18.17
C GLY A 166 -3.78 -16.28 -18.19
N GLY A 167 -2.69 -17.02 -17.99
CA GLY A 167 -2.78 -18.46 -18.03
C GLY A 167 -1.57 -19.10 -17.40
N TYR A 168 -1.65 -20.41 -17.19
CA TYR A 168 -0.44 -21.14 -16.88
C TYR A 168 0.44 -21.23 -18.13
N ALA A 169 1.72 -21.45 -17.93
CA ALA A 169 2.69 -21.57 -19.02
C ALA A 169 2.97 -23.04 -19.31
N PHE A 170 3.51 -23.29 -20.49
CA PHE A 170 3.89 -24.66 -20.83
C PHE A 170 5.38 -24.85 -20.57
N LYS A 171 5.71 -26.06 -20.17
CA LYS A 171 7.07 -26.47 -19.83
C LYS A 171 7.44 -27.58 -20.79
N TYR A 172 8.74 -27.71 -21.06
CA TYR A 172 9.18 -28.67 -22.05
C TYR A 172 10.63 -29.07 -21.77
N GLU A 173 10.89 -30.36 -21.83
CA GLU A 173 12.26 -30.86 -21.82
C GLU A 173 12.25 -32.19 -22.54
N ASN A 174 13.04 -32.29 -23.61
CA ASN A 174 13.43 -33.59 -24.15
C ASN A 174 12.19 -34.40 -24.55
N GLY A 175 11.34 -33.79 -25.37
CA GLY A 175 10.12 -34.42 -25.86
C GLY A 175 8.99 -34.53 -24.86
N LYS A 176 9.08 -33.88 -23.71
CA LYS A 176 8.09 -34.05 -22.64
C LYS A 176 7.55 -32.69 -22.23
N TYR A 177 6.22 -32.56 -22.23
CA TYR A 177 5.57 -31.29 -21.96
C TYR A 177 4.84 -31.37 -20.63
N ASP A 178 4.80 -30.23 -19.94
CA ASP A 178 4.03 -30.11 -18.71
C ASP A 178 3.48 -28.69 -18.65
N ILE A 179 2.64 -28.46 -17.66
CA ILE A 179 2.03 -27.16 -17.42
C ILE A 179 2.54 -26.63 -16.09
N LYS A 180 2.87 -25.35 -16.04
CA LYS A 180 3.45 -24.76 -14.84
C LYS A 180 2.80 -23.42 -14.53
N ASP A 181 2.51 -23.20 -13.25
CA ASP A 181 2.06 -21.92 -12.72
C ASP A 181 3.27 -21.02 -12.54
N VAL A 182 3.33 -19.94 -13.33
CA VAL A 182 4.42 -18.98 -13.30
C VAL A 182 3.95 -17.63 -12.75
N GLY A 183 2.82 -17.59 -12.05
CA GLY A 183 2.33 -16.32 -11.55
C GLY A 183 2.08 -15.33 -12.67
N VAL A 184 2.39 -14.07 -12.42
CA VAL A 184 2.14 -13.01 -13.41
C VAL A 184 3.14 -12.99 -14.54
N ASP A 185 4.15 -13.85 -14.53
CA ASP A 185 5.15 -13.89 -15.60
C ASP A 185 4.72 -14.91 -16.65
N ASN A 186 3.65 -14.59 -17.35
CA ASN A 186 3.13 -15.47 -18.40
C ASN A 186 2.76 -14.65 -19.63
N ALA A 187 2.55 -15.35 -20.74
CA ALA A 187 2.35 -14.67 -22.02
C ALA A 187 1.04 -13.90 -22.07
N GLY A 188 -0.04 -14.46 -21.50
CA GLY A 188 -1.31 -13.75 -21.51
C GLY A 188 -1.27 -12.43 -20.75
N ALA A 189 -0.62 -12.42 -19.57
CA ALA A 189 -0.50 -11.19 -18.81
C ALA A 189 0.34 -10.15 -19.55
N LYS A 190 1.45 -10.59 -20.14
CA LYS A 190 2.27 -9.67 -20.94
C LYS A 190 1.47 -9.14 -22.11
N ALA A 191 0.64 -9.98 -22.72
CA ALA A 191 -0.23 -9.53 -23.81
C ALA A 191 -1.12 -8.38 -23.36
N GLY A 192 -1.83 -8.54 -22.24
CA GLY A 192 -2.73 -7.48 -21.80
C GLY A 192 -1.99 -6.22 -21.39
N LEU A 193 -0.83 -6.38 -20.74
CA LEU A 193 -0.06 -5.21 -20.32
C LEU A 193 0.55 -4.50 -21.53
N THR A 194 0.91 -5.25 -22.58
CA THR A 194 1.32 -4.64 -23.85
C THR A 194 0.19 -3.84 -24.47
N PHE A 195 -1.04 -4.36 -24.41
CA PHE A 195 -2.15 -3.61 -25.01
C PHE A 195 -2.35 -2.29 -24.29
N LEU A 196 -2.25 -2.30 -22.97
CA LEU A 196 -2.41 -1.06 -22.20
C LEU A 196 -1.31 -0.07 -22.54
N VAL A 197 -0.07 -0.56 -22.67
CA VAL A 197 1.05 0.32 -22.99
C VAL A 197 0.86 0.93 -24.38
N ASP A 198 0.49 0.10 -25.35
CA ASP A 198 0.23 0.61 -26.70
C ASP A 198 -0.87 1.66 -26.71
N LEU A 199 -1.82 1.59 -25.78
CA LEU A 199 -2.81 2.66 -25.67
C LEU A 199 -2.15 3.97 -25.25
N ILE A 200 -1.13 3.89 -24.40
CA ILE A 200 -0.42 5.09 -24.00
C ILE A 200 0.52 5.56 -25.12
N LYS A 201 1.18 4.61 -25.80
CA LYS A 201 2.10 4.98 -26.87
C LYS A 201 1.37 5.73 -27.98
N ASN A 202 0.19 5.26 -28.35
CA ASN A 202 -0.61 5.85 -29.42
C ASN A 202 -1.49 6.99 -28.92
N LYS A 203 -1.24 7.50 -27.72
CA LYS A 203 -1.91 8.68 -27.17
C LYS A 203 -3.41 8.46 -26.99
N HIS A 204 -3.82 7.23 -26.72
CA HIS A 204 -5.20 6.99 -26.32
C HIS A 204 -5.41 7.16 -24.83
N MET A 205 -4.34 7.02 -24.03
CA MET A 205 -4.41 7.31 -22.60
C MET A 205 -3.10 7.96 -22.18
N ASN A 206 -3.13 8.69 -21.07
CA ASN A 206 -1.93 9.30 -20.52
C ASN A 206 -1.49 8.56 -19.27
N ALA A 207 -0.21 8.18 -19.24
CA ALA A 207 0.33 7.40 -18.14
C ALA A 207 0.12 8.08 -16.79
N ASP A 208 0.02 9.40 -16.76
CA ASP A 208 -0.11 10.11 -15.49
C ASP A 208 -1.54 10.14 -14.96
N THR A 209 -2.51 9.60 -15.68
CA THR A 209 -3.89 9.65 -15.23
C THR A 209 -4.07 8.90 -13.92
N ASP A 210 -4.79 9.52 -12.98
CA ASP A 210 -5.05 8.87 -11.70
C ASP A 210 -6.54 8.87 -11.39
N TYR A 211 -6.88 8.56 -10.13
CA TYR A 211 -8.28 8.45 -9.75
C TYR A 211 -9.02 9.78 -9.98
N SER A 212 -8.54 10.86 -9.37
CA SER A 212 -9.31 12.10 -9.42
C SER A 212 -9.34 12.69 -10.83
N ILE A 213 -8.29 12.52 -11.62
CA ILE A 213 -8.30 13.04 -12.98
C ILE A 213 -9.32 12.30 -13.84
N ALA A 214 -9.24 10.97 -13.85
CA ALA A 214 -10.18 10.18 -14.62
C ALA A 214 -11.60 10.41 -14.14
N GLU A 215 -11.80 10.52 -12.82
CA GLU A 215 -13.13 10.85 -12.30
C GLU A 215 -13.59 12.22 -12.79
N ALA A 216 -12.72 13.23 -12.73
CA ALA A 216 -13.13 14.57 -13.15
C ALA A 216 -13.50 14.59 -14.62
N ALA A 217 -12.64 13.99 -15.45
CA ALA A 217 -12.90 13.89 -16.88
C ALA A 217 -14.24 13.22 -17.17
N PHE A 218 -14.53 12.09 -16.51
CA PHE A 218 -15.77 11.39 -16.83
C PHE A 218 -16.98 12.17 -16.35
N ASN A 219 -16.93 12.71 -15.13
CA ASN A 219 -18.13 13.33 -14.57
C ASN A 219 -18.42 14.70 -15.19
N LYS A 220 -17.45 15.29 -15.90
CA LYS A 220 -17.63 16.50 -16.69
C LYS A 220 -17.94 16.20 -18.16
N GLY A 221 -18.14 14.94 -18.53
CA GLY A 221 -18.50 14.58 -19.90
C GLY A 221 -17.38 14.64 -20.90
N GLU A 222 -16.13 14.69 -20.44
CA GLU A 222 -14.99 14.82 -21.33
C GLU A 222 -14.56 13.49 -21.95
N THR A 223 -14.73 12.37 -21.24
CA THR A 223 -14.38 11.07 -21.76
C THR A 223 -15.61 10.17 -21.73
N ALA A 224 -15.69 9.24 -22.68
CA ALA A 224 -16.93 8.50 -22.84
C ALA A 224 -17.04 7.31 -21.88
N MET A 225 -15.92 6.87 -21.32
CA MET A 225 -15.86 5.65 -20.53
C MET A 225 -14.86 5.82 -19.41
N THR A 226 -15.16 5.17 -18.27
CA THR A 226 -14.20 5.00 -17.22
C THR A 226 -14.39 3.61 -16.62
N ILE A 227 -13.46 3.24 -15.74
CA ILE A 227 -13.47 1.95 -15.05
C ILE A 227 -13.42 2.27 -13.56
N ASN A 228 -14.42 1.78 -12.83
CA ASN A 228 -14.48 2.14 -11.43
C ASN A 228 -15.47 1.24 -10.73
N GLY A 229 -15.50 1.35 -9.41
CA GLY A 229 -16.33 0.51 -8.59
C GLY A 229 -17.60 1.21 -8.17
N PRO A 230 -18.39 0.51 -7.36
CA PRO A 230 -19.68 1.06 -6.95
C PRO A 230 -19.58 2.39 -6.21
N TRP A 231 -18.54 2.58 -5.39
CA TRP A 231 -18.40 3.83 -4.65
C TRP A 231 -18.42 5.04 -5.57
N ALA A 232 -17.99 4.89 -6.81
CA ALA A 232 -17.94 6.05 -7.67
C ALA A 232 -19.29 6.47 -8.26
N TRP A 233 -20.35 5.67 -8.08
CA TRP A 233 -21.62 6.00 -8.74
C TRP A 233 -22.25 7.29 -8.21
N SER A 234 -22.07 7.60 -6.92
CA SER A 234 -22.85 8.70 -6.36
C SER A 234 -22.37 10.05 -6.87
N ASN A 235 -21.07 10.21 -7.12
CA ASN A 235 -20.59 11.44 -7.73
C ASN A 235 -21.07 11.57 -9.18
N ILE A 236 -21.26 10.45 -9.89
CA ILE A 236 -21.80 10.54 -11.24
C ILE A 236 -23.28 10.84 -11.20
N ASP A 237 -24.00 10.26 -10.22
CA ASP A 237 -25.39 10.56 -10.00
C ASP A 237 -25.63 12.06 -9.88
N THR A 238 -24.78 12.74 -9.10
CA THR A 238 -25.00 14.15 -8.89
C THR A 238 -24.52 14.97 -10.08
N SER A 239 -23.56 14.46 -10.84
CA SER A 239 -23.23 15.11 -12.09
C SER A 239 -24.39 15.00 -13.07
N ALA A 240 -24.34 15.81 -14.13
CA ALA A 240 -25.38 15.76 -15.14
C ALA A 240 -25.22 14.56 -16.07
N VAL A 241 -24.09 13.84 -16.01
CA VAL A 241 -23.85 12.73 -16.94
C VAL A 241 -24.94 11.68 -16.77
N ASN A 242 -25.45 11.20 -17.89
CA ASN A 242 -26.32 10.04 -17.92
C ASN A 242 -25.45 8.84 -18.29
N TYR A 243 -25.36 7.87 -17.38
CA TYR A 243 -24.31 6.87 -17.45
C TYR A 243 -24.92 5.49 -17.34
N GLY A 244 -24.19 4.50 -17.86
CA GLY A 244 -24.55 3.12 -17.65
C GLY A 244 -23.38 2.39 -17.03
N VAL A 245 -23.64 1.20 -16.51
CA VAL A 245 -22.65 0.35 -15.87
C VAL A 245 -22.81 -1.03 -16.48
N THR A 246 -21.73 -1.55 -17.06
CA THR A 246 -21.84 -2.74 -17.91
C THR A 246 -20.61 -3.63 -17.72
N VAL A 247 -20.60 -4.74 -18.45
CA VAL A 247 -19.48 -5.68 -18.41
C VAL A 247 -18.23 -5.01 -18.98
N LEU A 248 -17.09 -5.26 -18.34
CA LEU A 248 -15.82 -4.81 -18.91
C LEU A 248 -15.64 -5.45 -20.29
N PRO A 249 -14.85 -4.82 -21.14
CA PRO A 249 -14.63 -5.40 -22.47
C PRO A 249 -13.79 -6.66 -22.38
N THR A 250 -13.94 -7.51 -23.38
CA THR A 250 -13.09 -8.68 -23.52
C THR A 250 -11.77 -8.32 -24.18
N PHE A 251 -10.78 -9.17 -23.98
CA PHE A 251 -9.46 -9.02 -24.58
C PHE A 251 -9.04 -10.37 -25.14
N LYS A 252 -8.74 -10.40 -26.43
CA LYS A 252 -8.45 -11.66 -27.13
C LYS A 252 -9.57 -12.66 -26.93
N GLY A 253 -10.80 -12.14 -26.89
CA GLY A 253 -11.98 -12.96 -26.67
C GLY A 253 -12.19 -13.41 -25.24
N GLN A 254 -11.28 -13.10 -24.31
CA GLN A 254 -11.44 -13.48 -22.91
C GLN A 254 -12.08 -12.34 -22.13
N PRO A 255 -12.98 -12.64 -21.20
CA PRO A 255 -13.47 -11.59 -20.30
C PRO A 255 -12.33 -10.97 -19.49
N SER A 256 -12.42 -9.66 -19.28
CA SER A 256 -11.62 -9.02 -18.24
C SER A 256 -11.89 -9.68 -16.90
N LYS A 257 -10.86 -9.75 -16.06
CA LYS A 257 -10.94 -10.53 -14.82
C LYS A 257 -10.59 -9.63 -13.64
N PRO A 258 -11.53 -8.80 -13.18
CA PRO A 258 -11.26 -7.95 -12.02
C PRO A 258 -11.04 -8.79 -10.77
N PHE A 259 -10.22 -8.28 -9.90
CA PHE A 259 -10.09 -8.87 -8.58
C PHE A 259 -11.27 -8.43 -7.73
N VAL A 260 -11.94 -9.39 -7.11
CA VAL A 260 -13.14 -9.12 -6.31
C VAL A 260 -12.74 -8.93 -4.85
N GLY A 261 -13.18 -7.83 -4.26
CA GLY A 261 -12.89 -7.53 -2.87
C GLY A 261 -14.14 -7.63 -2.02
N VAL A 262 -13.97 -8.11 -0.79
CA VAL A 262 -15.03 -8.08 0.20
C VAL A 262 -14.63 -6.99 1.18
N LEU A 263 -15.36 -5.88 1.16
CA LEU A 263 -15.08 -4.82 2.12
C LEU A 263 -15.39 -5.37 3.50
N SER A 264 -14.42 -5.25 4.41
CA SER A 264 -14.48 -5.93 5.70
C SER A 264 -14.06 -4.98 6.82
N ALA A 265 -14.53 -5.26 8.05
CA ALA A 265 -14.17 -4.47 9.23
C ALA A 265 -13.50 -5.36 10.27
N GLY A 266 -12.24 -5.06 10.59
CA GLY A 266 -11.48 -5.77 11.58
C GLY A 266 -11.39 -4.99 12.88
N ILE A 267 -11.16 -5.70 13.98
CA ILE A 267 -11.05 -5.08 15.29
C ILE A 267 -9.59 -5.15 15.73
N ASN A 268 -9.03 -3.99 16.05
CA ASN A 268 -7.62 -3.91 16.46
C ASN A 268 -7.37 -4.80 17.66
N ALA A 269 -6.37 -5.68 17.56
CA ALA A 269 -6.05 -6.55 18.69
C ALA A 269 -5.70 -5.73 19.94
N ALA A 270 -5.26 -4.50 19.78
CA ALA A 270 -4.90 -3.66 20.91
C ALA A 270 -6.05 -2.81 21.45
N SER A 271 -7.24 -2.88 20.84
CA SER A 271 -8.35 -2.05 21.32
C SER A 271 -8.81 -2.50 22.70
N PRO A 272 -9.01 -1.59 23.65
CA PRO A 272 -9.76 -1.92 24.87
C PRO A 272 -11.27 -1.84 24.71
N ASN A 273 -11.77 -1.69 23.48
CA ASN A 273 -13.19 -1.46 23.24
C ASN A 273 -13.79 -2.56 22.36
N LYS A 274 -13.29 -3.80 22.50
CA LYS A 274 -13.66 -4.85 21.55
C LYS A 274 -15.15 -5.17 21.61
N GLU A 275 -15.72 -5.20 22.81
CA GLU A 275 -17.15 -5.49 22.93
C GLU A 275 -17.99 -4.36 22.37
N LEU A 276 -17.55 -3.12 22.52
CA LEU A 276 -18.23 -2.00 21.89
C LEU A 276 -18.14 -2.09 20.38
N ALA A 277 -16.94 -2.42 19.87
CA ALA A 277 -16.75 -2.56 18.43
C ALA A 277 -17.66 -3.63 17.89
N LYS A 278 -17.71 -4.79 18.56
CA LYS A 278 -18.59 -5.87 18.15
C LYS A 278 -20.05 -5.44 18.15
N GLU A 279 -20.49 -4.73 19.20
CA GLU A 279 -21.87 -4.28 19.23
C GLU A 279 -22.17 -3.33 18.08
N PHE A 280 -21.23 -2.41 17.79
CA PHE A 280 -21.44 -1.46 16.70
C PHE A 280 -21.56 -2.18 15.36
N LEU A 281 -20.62 -3.08 15.09
CA LEU A 281 -20.56 -3.73 13.79
C LEU A 281 -21.75 -4.64 13.58
N GLU A 282 -22.05 -5.51 14.57
CA GLU A 282 -23.13 -6.48 14.39
C GLU A 282 -24.50 -5.82 14.41
N ASN A 283 -24.72 -4.88 15.33
CA ASN A 283 -26.08 -4.50 15.67
C ASN A 283 -26.40 -3.07 15.24
N TYR A 284 -25.44 -2.31 14.72
CA TYR A 284 -25.75 -1.01 14.15
C TYR A 284 -25.39 -0.92 12.68
N LEU A 285 -24.16 -1.27 12.31
CA LEU A 285 -23.76 -1.18 10.90
C LEU A 285 -24.41 -2.26 10.06
N LEU A 286 -24.32 -3.52 10.50
CA LEU A 286 -24.78 -4.63 9.68
C LEU A 286 -26.28 -4.86 9.89
N THR A 287 -27.04 -3.77 9.75
CA THR A 287 -28.49 -3.74 9.73
C THR A 287 -28.94 -3.14 8.41
N ASP A 288 -30.23 -3.29 8.10
CA ASP A 288 -30.77 -2.64 6.90
C ASP A 288 -30.46 -1.15 6.93
N GLU A 289 -30.76 -0.50 8.06
CA GLU A 289 -30.62 0.95 8.16
C GLU A 289 -29.15 1.37 8.22
N GLY A 290 -28.31 0.57 8.87
CA GLY A 290 -26.90 0.90 8.91
C GLY A 290 -26.25 0.88 7.53
N LEU A 291 -26.45 -0.22 6.80
CA LEU A 291 -25.86 -0.31 5.46
C LEU A 291 -26.48 0.70 4.50
N GLU A 292 -27.77 1.02 4.66
CA GLU A 292 -28.39 2.02 3.79
C GLU A 292 -27.75 3.38 3.97
N ALA A 293 -27.41 3.74 5.22
CA ALA A 293 -26.81 5.05 5.45
C ALA A 293 -25.45 5.17 4.76
N VAL A 294 -24.64 4.10 4.81
CA VAL A 294 -23.35 4.14 4.12
C VAL A 294 -23.57 4.12 2.61
N ASN A 295 -24.45 3.23 2.15
CA ASN A 295 -24.67 3.03 0.72
C ASN A 295 -25.22 4.29 0.07
N LYS A 296 -26.04 5.05 0.81
CA LYS A 296 -26.58 6.31 0.29
C LYS A 296 -25.48 7.33 0.07
N ASP A 297 -24.46 7.32 0.93
CA ASP A 297 -23.30 8.19 0.75
C ASP A 297 -22.49 7.76 -0.47
N LYS A 298 -21.87 6.59 -0.39
CA LYS A 298 -21.16 5.99 -1.51
C LYS A 298 -21.64 4.54 -1.61
N PRO A 299 -22.12 4.08 -2.77
CA PRO A 299 -22.69 2.74 -2.83
C PRO A 299 -21.65 1.68 -2.48
N LEU A 300 -22.09 0.71 -1.66
CA LEU A 300 -21.23 -0.37 -1.20
C LEU A 300 -20.92 -1.42 -2.26
N GLY A 301 -21.79 -1.60 -3.25
CA GLY A 301 -21.78 -2.78 -4.10
C GLY A 301 -22.89 -3.75 -3.74
N ALA A 302 -22.60 -5.04 -3.71
CA ALA A 302 -23.57 -6.03 -3.25
C ALA A 302 -23.29 -6.32 -1.77
N VAL A 303 -24.26 -5.97 -0.91
CA VAL A 303 -24.02 -6.15 0.54
C VAL A 303 -23.99 -7.64 0.87
N ALA A 304 -23.33 -7.96 1.98
CA ALA A 304 -23.13 -9.33 2.45
C ALA A 304 -24.37 -9.94 3.10
N LEU A 305 -25.41 -9.15 3.36
CA LEU A 305 -26.66 -9.66 3.96
C LEU A 305 -27.42 -10.57 2.99
N LYS A 306 -27.71 -11.80 3.44
CA LYS A 306 -28.42 -12.78 2.61
C LYS A 306 -29.79 -12.28 2.18
N SER A 307 -30.41 -11.39 2.95
CA SER A 307 -31.78 -10.98 2.67
C SER A 307 -31.91 -10.24 1.36
N TYR A 308 -30.85 -9.59 0.89
CA TYR A 308 -30.91 -8.70 -0.25
C TYR A 308 -30.58 -9.38 -1.57
N GLU A 309 -30.55 -10.72 -1.60
CA GLU A 309 -30.01 -11.44 -2.75
C GLU A 309 -30.80 -11.18 -4.02
N GLU A 310 -32.11 -11.32 -3.97
CA GLU A 310 -32.92 -11.08 -5.16
C GLU A 310 -33.28 -9.61 -5.34
N GLU A 311 -32.97 -8.75 -4.36
CA GLU A 311 -33.05 -7.32 -4.56
C GLU A 311 -31.85 -6.78 -5.33
N LEU A 312 -30.75 -7.55 -5.38
CA LEU A 312 -29.52 -7.06 -6.01
C LEU A 312 -29.73 -6.75 -7.48
N ALA A 313 -30.32 -7.69 -8.22
CA ALA A 313 -30.46 -7.56 -9.67
C ALA A 313 -31.53 -6.56 -10.08
N LYS A 314 -32.34 -6.05 -9.14
CA LYS A 314 -33.22 -4.93 -9.46
C LYS A 314 -32.45 -3.70 -9.87
N ASP A 315 -31.23 -3.52 -9.34
CA ASP A 315 -30.36 -2.41 -9.72
C ASP A 315 -29.44 -2.91 -10.83
N PRO A 316 -29.58 -2.45 -12.08
CA PRO A 316 -28.69 -2.91 -13.16
C PRO A 316 -27.23 -2.66 -12.88
N ARG A 317 -26.90 -1.60 -12.13
CA ARG A 317 -25.50 -1.33 -11.85
C ARG A 317 -24.93 -2.42 -10.94
N ILE A 318 -25.74 -2.95 -10.03
CA ILE A 318 -25.31 -4.03 -9.17
C ILE A 318 -25.32 -5.37 -9.94
N ALA A 319 -26.26 -5.53 -10.87
CA ALA A 319 -26.22 -6.72 -11.72
C ALA A 319 -24.95 -6.72 -12.57
N ALA A 320 -24.59 -5.58 -13.13
CA ALA A 320 -23.33 -5.48 -13.86
C ALA A 320 -22.12 -5.71 -12.95
N THR A 321 -22.19 -5.22 -11.71
CA THR A 321 -21.10 -5.47 -10.77
C THR A 321 -20.93 -6.97 -10.53
N MET A 322 -22.03 -7.68 -10.29
CA MET A 322 -21.93 -9.12 -10.04
C MET A 322 -21.52 -9.87 -11.30
N GLU A 323 -21.88 -9.38 -12.48
CA GLU A 323 -21.43 -10.05 -13.70
C GLU A 323 -19.92 -9.96 -13.85
N ASN A 324 -19.35 -8.76 -13.64
CA ASN A 324 -17.89 -8.63 -13.68
C ASN A 324 -17.24 -9.42 -12.55
N ALA A 325 -17.86 -9.42 -11.35
CA ALA A 325 -17.33 -10.19 -10.24
C ALA A 325 -17.26 -11.69 -10.59
N GLN A 326 -18.33 -12.22 -11.21
CA GLN A 326 -18.33 -13.64 -11.58
C GLN A 326 -17.23 -13.96 -12.59
N LYS A 327 -16.87 -13.00 -13.44
CA LYS A 327 -15.86 -13.23 -14.46
C LYS A 327 -14.46 -13.06 -13.92
N GLY A 328 -14.30 -12.36 -12.80
CA GLY A 328 -13.02 -12.24 -12.13
C GLY A 328 -12.85 -13.29 -11.04
N GLU A 329 -11.98 -12.98 -10.10
CA GLU A 329 -11.64 -13.91 -9.03
C GLU A 329 -11.60 -13.14 -7.71
N ILE A 330 -12.07 -13.81 -6.64
CA ILE A 330 -11.87 -13.31 -5.29
C ILE A 330 -10.38 -13.17 -5.00
N MET A 331 -9.97 -12.01 -4.48
CA MET A 331 -8.58 -11.82 -4.10
C MET A 331 -8.14 -12.84 -3.06
N PRO A 332 -6.94 -13.41 -3.16
CA PRO A 332 -6.39 -14.16 -2.02
C PRO A 332 -6.21 -13.21 -0.85
N ASN A 333 -6.13 -13.78 0.35
CA ASN A 333 -5.82 -12.98 1.52
C ASN A 333 -4.55 -13.45 2.21
N ILE A 334 -3.66 -14.14 1.48
CA ILE A 334 -2.37 -14.59 2.03
C ILE A 334 -1.63 -13.40 2.61
N PRO A 335 -0.78 -13.62 3.63
CA PRO A 335 -0.13 -12.48 4.29
C PRO A 335 0.76 -11.68 3.36
N GLN A 336 1.11 -12.21 2.19
CA GLN A 336 2.04 -11.54 1.31
C GLN A 336 1.33 -10.79 0.18
N MET A 337 0.02 -10.56 0.29
CA MET A 337 -0.70 -9.82 -0.75
C MET A 337 -0.13 -8.42 -0.96
N SER A 338 0.36 -7.77 0.11
CA SER A 338 0.94 -6.44 -0.08
C SER A 338 2.20 -6.51 -0.95
N ALA A 339 2.97 -7.59 -0.85
CA ALA A 339 4.13 -7.77 -1.72
C ALA A 339 3.71 -8.00 -3.17
N PHE A 340 2.68 -8.82 -3.38
CA PHE A 340 2.14 -9.00 -4.73
C PHE A 340 1.71 -7.67 -5.33
N TRP A 341 0.95 -6.88 -4.57
CA TRP A 341 0.45 -5.63 -5.12
C TRP A 341 1.57 -4.64 -5.38
N TYR A 342 2.59 -4.60 -4.52
CA TYR A 342 3.67 -3.63 -4.74
C TYR A 342 4.47 -4.00 -5.99
N ALA A 343 4.74 -5.29 -6.17
CA ALA A 343 5.45 -5.76 -7.35
C ALA A 343 4.67 -5.48 -8.64
N VAL A 344 3.36 -5.71 -8.63
CA VAL A 344 2.62 -5.47 -9.86
C VAL A 344 2.51 -3.96 -10.13
N ARG A 345 2.32 -3.15 -9.08
CA ARG A 345 2.24 -1.71 -9.27
C ARG A 345 3.49 -1.16 -9.96
N THR A 346 4.66 -1.62 -9.54
CA THR A 346 5.90 -1.19 -10.17
C THR A 346 5.96 -1.64 -11.61
N ALA A 347 5.69 -2.92 -11.87
CA ALA A 347 5.74 -3.44 -13.24
C ALA A 347 4.93 -2.57 -14.20
N VAL A 348 3.72 -2.17 -13.80
CA VAL A 348 2.84 -1.43 -14.69
C VAL A 348 3.34 -0.01 -14.92
N ILE A 349 3.82 0.65 -13.86
CA ILE A 349 4.33 2.01 -14.00
C ILE A 349 5.60 2.00 -14.85
N ASN A 350 6.56 1.11 -14.53
CA ASN A 350 7.75 0.98 -15.35
C ASN A 350 7.40 0.71 -16.81
N ALA A 351 6.39 -0.14 -17.04
CA ALA A 351 5.99 -0.41 -18.42
C ALA A 351 5.37 0.82 -19.06
N ALA A 352 4.37 1.41 -18.42
CA ALA A 352 3.67 2.57 -18.96
C ALA A 352 4.56 3.79 -19.08
N SER A 353 5.72 3.79 -18.43
CA SER A 353 6.68 4.87 -18.55
C SER A 353 7.79 4.53 -19.54
N GLY A 354 7.66 3.43 -20.27
CA GLY A 354 8.73 3.04 -21.17
C GLY A 354 10.06 2.74 -20.51
N ARG A 355 10.07 2.56 -19.18
CA ARG A 355 11.31 2.24 -18.48
C ARG A 355 11.76 0.81 -18.72
N GLN A 356 10.86 -0.16 -18.55
CA GLN A 356 11.12 -1.56 -18.83
C GLN A 356 10.32 -1.98 -20.06
N THR A 357 10.74 -3.08 -20.69
CA THR A 357 9.80 -3.75 -21.56
C THR A 357 8.72 -4.41 -20.71
N VAL A 358 7.59 -4.68 -21.35
CA VAL A 358 6.51 -5.37 -20.66
C VAL A 358 7.00 -6.72 -20.13
N ASP A 359 7.72 -7.46 -20.96
CA ASP A 359 8.18 -8.79 -20.57
C ASP A 359 9.11 -8.72 -19.37
N ALA A 360 10.03 -7.75 -19.37
CA ALA A 360 10.96 -7.63 -18.24
C ALA A 360 10.26 -7.14 -17.00
N ALA A 361 9.26 -6.28 -17.16
CA ALA A 361 8.54 -5.73 -16.01
C ALA A 361 7.72 -6.80 -15.31
N LEU A 362 7.02 -7.64 -16.06
CA LEU A 362 6.22 -8.70 -15.45
C LEU A 362 7.07 -9.87 -14.97
N ALA A 363 8.23 -10.10 -15.60
CA ALA A 363 9.13 -11.13 -15.11
C ALA A 363 9.82 -10.67 -13.83
N ALA A 364 10.19 -9.39 -13.76
CA ALA A 364 10.69 -8.84 -12.50
C ALA A 364 9.60 -8.80 -11.43
N ALA A 365 8.37 -8.47 -11.82
CA ALA A 365 7.25 -8.47 -10.87
C ALA A 365 7.18 -9.79 -10.14
N GLN A 366 7.21 -10.90 -10.88
CA GLN A 366 7.10 -12.21 -10.26
C GLN A 366 8.27 -12.45 -9.29
N THR A 367 9.49 -12.13 -9.69
CA THR A 367 10.61 -12.47 -8.83
C THR A 367 10.77 -11.47 -7.67
N ASN A 368 10.41 -10.21 -7.87
CA ASN A 368 10.41 -9.26 -6.75
C ASN A 368 9.40 -9.67 -5.68
N ALA A 369 8.19 -10.09 -6.09
CA ALA A 369 7.22 -10.55 -5.09
C ALA A 369 7.73 -11.78 -4.37
N ALA A 370 8.38 -12.69 -5.10
CA ALA A 370 9.00 -13.83 -4.46
C ALA A 370 10.06 -13.37 -3.45
N ALA A 371 10.94 -12.47 -3.87
CA ALA A 371 11.96 -11.97 -2.94
C ALA A 371 11.32 -11.27 -1.74
N MET A 372 10.38 -10.35 -1.98
CA MET A 372 9.72 -9.68 -0.86
C MET A 372 9.08 -10.70 0.07
N ALA A 373 8.60 -11.83 -0.47
CA ALA A 373 8.05 -12.87 0.39
C ALA A 373 9.10 -13.40 1.35
N ARG A 374 10.37 -13.47 0.89
CA ARG A 374 11.48 -13.84 1.77
C ARG A 374 11.72 -12.85 2.90
N PHE A 375 11.13 -11.65 2.86
CA PHE A 375 11.36 -10.73 3.97
C PHE A 375 10.88 -11.31 5.29
N GLU A 376 10.06 -12.37 5.26
CA GLU A 376 9.59 -13.01 6.48
C GLU A 376 10.65 -13.91 7.10
N ASP A 377 11.67 -14.29 6.34
CA ASP A 377 12.70 -15.22 6.77
C ASP A 377 13.93 -14.45 7.24
N PRO A 378 14.16 -14.31 8.56
CA PRO A 378 15.35 -13.58 9.04
C PRO A 378 16.67 -14.20 8.61
N THR A 379 16.70 -15.47 8.25
CA THR A 379 17.94 -16.11 7.86
C THR A 379 18.26 -15.89 6.38
N ARG A 380 17.32 -15.40 5.58
CA ARG A 380 17.58 -15.22 4.17
C ARG A 380 17.36 -13.80 3.66
N ARG A 381 16.74 -12.92 4.45
CA ARG A 381 16.45 -11.57 4.01
C ARG A 381 17.75 -10.75 3.95
N PRO A 382 17.85 -9.83 3.00
CA PRO A 382 19.07 -9.00 2.89
C PRO A 382 19.13 -7.93 3.97
N TYR A 383 20.31 -7.76 4.56
CA TYR A 383 20.50 -6.73 5.56
C TYR A 383 21.38 -5.57 5.08
N LYS A 384 21.81 -5.58 3.82
CA LYS A 384 22.52 -4.46 3.24
C LYS A 384 21.65 -3.83 2.16
N LEU A 385 21.59 -2.51 2.14
CA LEU A 385 20.81 -1.81 1.12
C LEU A 385 21.12 -2.25 -0.31
N PRO A 386 22.38 -2.45 -0.73
CA PRO A 386 22.61 -2.93 -2.11
C PRO A 386 22.15 -4.35 -2.33
N ASP A 387 22.23 -5.21 -1.32
CA ASP A 387 21.70 -6.56 -1.49
C ASP A 387 20.19 -6.54 -1.67
N LEU A 388 19.51 -5.71 -0.88
CA LEU A 388 18.08 -5.47 -1.11
C LEU A 388 17.83 -5.05 -2.55
N CYS A 389 18.49 -3.97 -2.99
CA CYS A 389 18.37 -3.51 -4.37
C CYS A 389 18.63 -4.63 -5.36
N THR A 390 19.74 -5.37 -5.17
CA THR A 390 20.06 -6.46 -6.08
C THR A 390 18.92 -7.47 -6.15
N GLU A 391 18.42 -7.91 -5.00
CA GLU A 391 17.40 -8.95 -5.00
C GLU A 391 16.05 -8.46 -5.50
N LEU A 392 15.84 -7.15 -5.63
CA LEU A 392 14.59 -6.61 -6.16
C LEU A 392 14.75 -6.02 -7.55
N ASN A 393 15.87 -6.29 -8.22
CA ASN A 393 16.10 -5.85 -9.60
C ASN A 393 15.91 -4.35 -9.74
N THR A 394 16.39 -3.59 -8.76
CA THR A 394 16.14 -2.16 -8.73
C THR A 394 17.44 -1.42 -8.48
N SER A 395 17.63 -0.33 -9.21
CA SER A 395 18.74 0.56 -8.91
C SER A 395 18.53 1.20 -7.53
N LEU A 396 19.63 1.34 -6.79
CA LEU A 396 19.65 2.26 -5.65
C LEU A 396 19.02 3.60 -6.01
N GLN A 397 19.16 4.01 -7.29
CA GLN A 397 18.60 5.26 -7.79
C GLN A 397 17.08 5.27 -7.70
N ASP A 398 16.44 4.10 -7.72
CA ASP A 398 14.99 4.01 -7.79
C ASP A 398 14.32 3.38 -6.58
N ILE A 399 15.08 2.79 -5.65
CA ILE A 399 14.45 2.10 -4.53
C ILE A 399 13.69 3.11 -3.69
N GLU A 400 12.55 2.69 -3.17
CA GLU A 400 11.81 3.46 -2.20
C GLU A 400 11.90 2.73 -0.86
N ILE A 401 12.45 3.41 0.14
CA ILE A 401 12.62 2.84 1.47
C ILE A 401 12.39 3.96 2.47
N THR A 402 11.74 3.63 3.58
CA THR A 402 11.35 4.62 4.57
C THR A 402 12.23 4.51 5.80
N CYS A 403 12.34 5.63 6.51
CA CYS A 403 13.12 5.68 7.73
C CYS A 403 12.42 4.87 8.82
N VAL A 404 13.18 4.02 9.53
CA VAL A 404 12.59 3.18 10.57
C VAL A 404 11.97 4.01 11.68
N TYR A 405 12.41 5.25 11.84
CA TYR A 405 11.96 6.09 12.94
C TYR A 405 10.79 6.97 12.52
N CYS A 406 10.99 7.78 11.48
CA CYS A 406 10.02 8.79 11.11
C CYS A 406 9.16 8.40 9.89
N LYS A 407 9.47 7.28 9.24
CA LYS A 407 8.69 6.68 8.17
C LYS A 407 8.67 7.50 6.88
N THR A 408 9.33 8.65 6.83
CA THR A 408 9.46 9.37 5.56
C THR A 408 10.22 8.50 4.56
N VAL A 409 9.86 8.63 3.29
CA VAL A 409 10.65 8.02 2.24
C VAL A 409 11.99 8.72 2.15
N LEU A 410 13.08 7.94 2.18
CA LEU A 410 14.40 8.54 2.08
C LEU A 410 14.59 9.20 0.72
N GLU A 411 15.12 10.41 0.73
CA GLU A 411 15.45 11.03 -0.54
C GLU A 411 16.73 10.41 -1.10
N LEU A 412 17.00 10.67 -2.38
CA LEU A 412 18.11 10.02 -3.06
C LEU A 412 19.44 10.31 -2.37
N THR A 413 19.67 11.54 -1.92
CA THR A 413 20.88 11.83 -1.15
C THR A 413 21.00 10.89 0.04
N GLU A 414 19.88 10.70 0.76
CA GLU A 414 19.89 9.88 1.97
C GLU A 414 20.07 8.40 1.67
N VAL A 415 19.61 7.94 0.51
CA VAL A 415 19.78 6.54 0.14
C VAL A 415 21.24 6.27 -0.16
N PHE A 416 21.87 7.19 -0.89
CA PHE A 416 23.30 7.10 -1.15
C PHE A 416 24.09 7.07 0.15
N GLU A 417 23.80 8.01 1.05
CA GLU A 417 24.54 8.08 2.31
C GLU A 417 24.39 6.79 3.10
N PHE A 418 23.17 6.26 3.16
CA PHE A 418 22.94 5.03 3.90
C PHE A 418 23.83 3.91 3.39
N ALA A 419 23.85 3.72 2.07
CA ALA A 419 24.71 2.69 1.48
C ALA A 419 26.18 3.02 1.72
N ARG A 420 26.54 4.29 1.51
CA ARG A 420 27.93 4.73 1.68
C ARG A 420 28.41 4.50 3.10
N LYS A 421 27.54 4.70 4.10
CA LYS A 421 27.93 4.53 5.50
C LYS A 421 27.87 3.08 5.97
N ASP A 422 27.58 2.14 5.08
CA ASP A 422 27.57 0.72 5.40
C ASP A 422 26.66 0.42 6.58
N LEU A 423 25.45 0.98 6.54
CA LEU A 423 24.46 0.73 7.57
C LEU A 423 23.61 -0.48 7.19
N PHE A 424 22.74 -0.90 8.09
CA PHE A 424 22.02 -2.16 7.93
C PHE A 424 20.52 -1.89 7.84
N VAL A 425 19.90 -2.50 6.83
CA VAL A 425 18.44 -2.59 6.74
C VAL A 425 17.93 -3.23 8.02
N VAL A 426 16.89 -2.64 8.62
CA VAL A 426 16.23 -3.21 9.78
C VAL A 426 14.78 -3.54 9.41
N TYR A 427 14.31 -4.70 9.87
CA TYR A 427 12.99 -5.21 9.49
C TYR A 427 12.02 -5.04 10.65
N ARG A 428 10.91 -4.36 10.37
CA ARG A 428 9.80 -4.20 11.31
C ARG A 428 8.57 -4.84 10.65
N ASP A 429 8.08 -5.93 11.25
CA ASP A 429 6.93 -6.66 10.72
C ASP A 429 7.19 -7.06 9.28
N SER A 430 8.40 -7.58 9.04
CA SER A 430 8.88 -8.05 7.75
C SER A 430 8.89 -6.97 6.67
N ILE A 431 8.84 -5.70 7.06
CA ILE A 431 9.02 -4.58 6.14
C ILE A 431 10.43 -4.02 6.33
N PRO A 432 11.22 -3.88 5.28
CA PRO A 432 12.57 -3.33 5.44
C PRO A 432 12.57 -1.81 5.54
N HIS A 433 13.38 -1.30 6.46
CA HIS A 433 13.55 0.12 6.65
C HIS A 433 15.02 0.48 6.63
N ALA A 434 15.30 1.75 6.32
CA ALA A 434 16.60 2.34 6.55
C ALA A 434 16.42 3.48 7.56
N ALA A 435 17.15 4.59 7.37
CA ALA A 435 16.98 5.73 8.25
C ALA A 435 17.37 6.99 7.50
N CYS A 436 16.69 8.09 7.80
CA CYS A 436 16.98 9.32 7.07
C CYS A 436 18.08 10.13 7.76
N HIS A 437 18.63 11.08 7.00
CA HIS A 437 19.75 11.88 7.49
C HIS A 437 19.42 12.52 8.84
N LYS A 438 18.23 13.12 8.94
CA LYS A 438 17.84 13.84 10.15
C LYS A 438 17.73 12.90 11.36
N CYS A 439 17.19 11.70 11.15
CA CYS A 439 17.05 10.79 12.28
C CYS A 439 18.39 10.26 12.74
N ILE A 440 19.27 9.92 11.80
CA ILE A 440 20.62 9.47 12.18
C ILE A 440 21.31 10.54 13.00
N ASP A 441 21.29 11.79 12.51
CA ASP A 441 21.98 12.87 13.20
C ASP A 441 21.41 13.06 14.61
N PHE A 442 20.10 13.28 14.70
CA PHE A 442 19.45 13.45 16.00
C PHE A 442 19.83 12.33 16.96
N TYR A 443 19.59 11.08 16.56
CA TYR A 443 19.86 9.98 17.49
C TYR A 443 21.34 9.66 17.63
N SER A 444 22.20 10.23 16.79
CA SER A 444 23.64 10.22 17.09
C SER A 444 23.93 11.11 18.28
N ARG A 445 23.38 12.33 18.26
CA ARG A 445 23.61 13.28 19.35
C ARG A 445 23.03 12.76 20.67
N ILE A 446 21.81 12.23 20.63
CA ILE A 446 21.20 11.71 21.86
C ILE A 446 22.02 10.54 22.39
N ARG A 447 22.45 9.63 21.51
CA ARG A 447 23.27 8.49 21.90
C ARG A 447 24.56 8.93 22.56
N GLU A 448 25.11 10.07 22.12
CA GLU A 448 26.40 10.55 22.62
C GLU A 448 26.32 10.89 24.10
N LEU A 449 25.31 11.68 24.47
CA LEU A 449 25.17 12.11 25.86
C LEU A 449 24.80 10.94 26.77
N ARG A 450 23.73 10.23 26.44
CA ARG A 450 23.16 9.23 27.33
C ARG A 450 24.00 7.96 27.46
N HIS A 451 25.04 7.78 26.65
CA HIS A 451 25.80 6.53 26.67
C HIS A 451 27.30 6.79 26.54
N TYR A 452 27.85 7.57 27.46
CA TYR A 452 29.24 8.01 27.36
C TYR A 452 30.10 7.21 28.33
N SER A 453 30.54 6.03 27.87
CA SER A 453 31.32 5.14 28.72
C SER A 453 32.67 5.75 29.08
N ASP A 454 33.64 5.68 28.17
CA ASP A 454 34.98 6.17 28.45
C ASP A 454 35.61 6.67 27.16
N SER A 455 36.91 6.93 27.22
CA SER A 455 37.66 7.42 26.07
C SER A 455 39.07 6.86 26.12
N VAL A 456 39.64 6.56 24.96
CA VAL A 456 40.99 6.02 24.85
C VAL A 456 41.65 6.62 23.61
N TYR A 457 42.99 6.60 23.63
CA TYR A 457 43.75 6.96 22.44
C TYR A 457 43.86 5.76 21.52
N GLY A 458 44.23 6.03 20.27
CA GLY A 458 44.22 4.98 19.25
C GLY A 458 45.06 3.78 19.61
N ASP A 459 46.24 4.00 20.16
CA ASP A 459 47.09 2.85 20.50
C ASP A 459 46.50 2.05 21.65
N THR A 460 45.79 2.70 22.57
CA THR A 460 45.07 1.94 23.59
C THR A 460 44.00 1.07 22.95
N LEU A 461 43.27 1.63 21.97
CA LEU A 461 42.18 0.90 21.34
C LEU A 461 42.66 -0.40 20.70
N GLU A 462 43.88 -0.40 20.15
CA GLU A 462 44.42 -1.61 19.55
C GLU A 462 44.53 -2.73 20.56
N LYS A 463 44.87 -2.40 21.81
CA LYS A 463 44.94 -3.40 22.87
C LYS A 463 43.56 -3.95 23.19
N LEU A 464 42.58 -3.05 23.33
CA LEU A 464 41.23 -3.44 23.75
C LEU A 464 40.56 -4.36 22.75
N THR A 465 40.96 -4.31 21.49
CA THR A 465 40.31 -5.06 20.43
C THR A 465 41.14 -6.24 19.94
N ASN A 466 42.41 -6.32 20.35
CA ASN A 466 43.31 -7.35 19.85
C ASN A 466 43.37 -7.34 18.32
N THR A 467 43.23 -6.14 17.74
CA THR A 467 43.34 -5.96 16.30
C THR A 467 44.06 -4.64 16.04
N GLY A 468 44.77 -4.58 14.91
CA GLY A 468 45.33 -3.33 14.46
C GLY A 468 44.25 -2.32 14.12
N LEU A 469 44.61 -1.05 14.24
CA LEU A 469 43.72 0.04 13.87
C LEU A 469 43.32 -0.01 12.41
N TYR A 470 44.11 -0.63 11.54
CA TYR A 470 43.93 -0.40 10.12
C TYR A 470 42.59 -0.94 9.63
N ASN A 471 42.25 -2.17 10.00
CA ASN A 471 41.01 -2.79 9.55
C ASN A 471 39.88 -2.65 10.54
N LEU A 472 40.15 -2.16 11.73
CA LEU A 472 39.13 -2.08 12.76
C LEU A 472 38.01 -1.13 12.34
N LEU A 473 36.78 -1.63 12.36
CA LEU A 473 35.66 -0.76 12.05
C LEU A 473 35.45 0.23 13.19
N ILE A 474 35.58 1.52 12.89
CA ILE A 474 35.29 2.60 13.82
C ILE A 474 34.36 3.58 13.11
N ARG A 475 33.17 3.77 13.66
CA ARG A 475 32.21 4.73 13.09
C ARG A 475 32.37 6.12 13.69
N CYS A 476 32.17 7.13 12.85
CA CYS A 476 32.04 8.51 13.33
C CYS A 476 30.84 8.61 14.26
N LEU A 477 31.05 9.25 15.42
CA LEU A 477 29.99 9.36 16.42
C LEU A 477 28.87 10.30 16.00
N ARG A 478 29.12 11.16 15.01
CA ARG A 478 28.14 12.15 14.59
C ARG A 478 27.36 11.74 13.34
N CYS A 479 27.96 11.00 12.43
CA CYS A 479 27.28 10.64 11.20
C CYS A 479 27.30 9.16 10.87
N GLN A 480 27.95 8.33 11.69
CA GLN A 480 28.02 6.88 11.59
C GLN A 480 28.88 6.36 10.44
N LYS A 481 29.50 7.24 9.66
CA LYS A 481 30.36 6.79 8.58
C LYS A 481 31.55 6.02 9.14
N PRO A 482 31.91 4.87 8.55
CA PRO A 482 33.15 4.20 8.99
C PRO A 482 34.35 5.06 8.63
N LEU A 483 35.23 5.28 9.61
CA LEU A 483 36.44 6.05 9.36
C LEU A 483 37.36 5.32 8.40
N ASN A 484 37.95 6.06 7.46
CA ASN A 484 38.97 5.51 6.58
C ASN A 484 40.34 5.61 7.24
N PRO A 485 41.39 4.99 6.67
CA PRO A 485 42.69 5.04 7.35
C PRO A 485 43.22 6.45 7.58
N ALA A 486 43.03 7.37 6.62
CA ALA A 486 43.49 8.74 6.82
C ALA A 486 42.82 9.39 8.02
N GLU A 487 41.52 9.13 8.20
CA GLU A 487 40.80 9.71 9.33
C GLU A 487 41.28 9.13 10.64
N LYS A 488 41.63 7.84 10.64
CA LYS A 488 42.23 7.25 11.82
C LYS A 488 43.59 7.90 12.10
N LEU A 489 44.39 8.11 11.04
CA LEU A 489 45.69 8.75 11.18
C LEU A 489 45.56 10.16 11.74
N ARG A 490 44.54 10.91 11.33
CA ARG A 490 44.30 12.23 11.92
C ARG A 490 44.07 12.13 13.42
N HIS A 491 43.28 11.14 13.86
CA HIS A 491 43.09 10.93 15.29
C HIS A 491 44.43 10.80 16.01
N LEU A 492 45.32 9.98 15.46
CA LEU A 492 46.61 9.73 16.11
C LEU A 492 47.47 10.99 16.11
N ASN A 493 47.57 11.66 14.97
CA ASN A 493 48.50 12.79 14.86
C ASN A 493 48.01 14.00 15.63
N GLU A 494 46.70 14.26 15.60
CA GLU A 494 46.12 15.37 16.34
C GLU A 494 45.76 14.98 17.78
N LYS A 495 46.09 13.76 18.19
CA LYS A 495 45.95 13.29 19.56
C LYS A 495 44.52 13.36 20.07
N ARG A 496 43.54 13.19 19.17
CA ARG A 496 42.15 13.06 19.57
C ARG A 496 41.84 11.62 19.95
N ARG A 497 41.10 11.45 21.04
CA ARG A 497 40.81 10.11 21.51
C ARG A 497 39.61 9.52 20.77
N PHE A 498 39.36 8.24 21.02
CA PHE A 498 38.17 7.54 20.57
C PHE A 498 37.25 7.36 21.76
N HIS A 499 35.96 7.61 21.56
CA HIS A 499 34.99 7.65 22.66
C HIS A 499 34.09 6.43 22.60
N ASN A 500 33.97 5.74 23.74
CA ASN A 500 33.14 4.55 23.84
C ASN A 500 31.69 5.00 24.04
N ILE A 501 30.90 4.90 22.99
CA ILE A 501 29.49 5.28 23.02
C ILE A 501 28.69 4.00 22.76
N ALA A 502 27.94 3.58 23.77
CA ALA A 502 27.04 2.43 23.69
C ALA A 502 27.79 1.16 23.30
N GLY A 503 28.91 0.93 23.96
CA GLY A 503 29.58 -0.35 23.90
C GLY A 503 30.59 -0.52 22.78
N HIS A 504 30.84 0.52 21.98
CA HIS A 504 31.88 0.46 20.97
C HIS A 504 32.53 1.83 20.86
N TYR A 505 33.80 1.84 20.43
CA TYR A 505 34.54 3.09 20.34
C TYR A 505 34.28 3.78 19.00
N ARG A 506 34.05 5.08 19.08
CA ARG A 506 33.66 5.89 17.94
C ARG A 506 34.71 6.96 17.72
N GLY A 507 34.72 7.51 16.50
CA GLY A 507 35.67 8.54 16.17
C GLY A 507 34.99 9.71 15.53
N GLN A 508 35.73 10.50 14.75
CA GLN A 508 35.16 11.60 13.99
C GLN A 508 35.66 11.50 12.56
N CYS A 509 34.79 11.74 11.60
CA CYS A 509 35.22 11.76 10.21
C CYS A 509 35.80 13.13 9.86
N HIS A 510 36.51 13.19 8.73
CA HIS A 510 37.08 14.46 8.25
C HIS A 510 36.01 15.55 8.22
N SER A 511 34.84 15.22 7.68
CA SER A 511 33.81 16.23 7.44
C SER A 511 33.25 16.76 8.76
N CYS A 512 32.95 15.86 9.69
CA CYS A 512 32.39 16.31 10.97
C CYS A 512 33.42 17.00 11.83
N CYS A 513 34.71 16.67 11.66
CA CYS A 513 35.75 17.32 12.43
C CYS A 513 35.71 18.84 12.25
N ASN A 514 35.65 19.29 11.00
CA ASN A 514 35.51 20.70 10.70
C ASN A 514 34.10 21.21 11.02
N ALA A 528 31.53 32.00 22.40
CA ALA A 528 30.10 32.03 22.12
C ALA A 528 29.42 33.11 22.95
N GLU A 529 30.20 34.09 23.38
CA GLU A 529 29.67 35.26 24.08
C GLU A 529 28.90 36.18 23.14
N SER A 530 29.21 36.14 21.84
CA SER A 530 28.53 36.99 20.85
C SER A 530 27.36 36.27 20.18
N SER A 531 27.45 34.94 20.01
CA SER A 531 26.37 34.20 19.36
C SER A 531 25.11 34.23 20.22
N GLU A 532 25.25 33.94 21.50
CA GLU A 532 24.11 34.03 22.41
C GLU A 532 23.62 35.47 22.55
N LEU A 533 24.55 36.43 22.52
CA LEU A 533 24.17 37.83 22.72
C LEU A 533 23.40 38.39 21.51
N THR A 534 23.63 37.82 20.33
CA THR A 534 22.81 38.19 19.18
C THR A 534 21.36 37.73 19.38
N PHE A 535 21.18 36.52 19.94
CA PHE A 535 19.85 35.99 20.21
C PHE A 535 19.02 36.94 21.06
N GLN A 536 19.64 37.67 21.97
CA GLN A 536 18.88 38.61 22.80
C GLN A 536 18.45 39.83 22.00
N GLU A 537 19.21 40.22 20.98
CA GLU A 537 18.74 41.27 20.08
C GLU A 537 17.57 40.79 19.25
N LEU A 538 17.60 39.52 18.82
CA LEU A 538 16.49 38.96 18.06
C LEU A 538 15.20 38.94 18.88
N LEU A 539 15.31 38.78 20.20
CA LEU A 539 14.17 38.84 21.10
C LEU A 539 13.94 40.23 21.66
N GLY A 540 14.79 41.20 21.31
CA GLY A 540 14.61 42.55 21.78
C GLY A 540 14.79 42.74 23.26
N GLU A 541 15.64 41.91 23.89
CA GLU A 541 15.81 41.95 25.33
C GLU A 541 16.90 42.94 25.75
N ARG A 542 18.06 42.89 25.07
CA ARG A 542 19.02 44.00 25.04
C ARG A 542 20.22 43.56 24.20
N ARG A 543 21.04 44.55 23.83
CA ARG A 543 22.23 44.33 23.02
C ARG A 543 23.41 43.86 23.87
#